data_3KGZ
#
_entry.id   3KGZ
#
_cell.length_a   36.854
_cell.length_b   80.382
_cell.length_c   110.081
_cell.angle_alpha   90.000
_cell.angle_beta   90.000
_cell.angle_gamma   90.000
#
_symmetry.space_group_name_H-M   'P 21 21 21'
#
loop_
_entity.id
_entity.type
_entity.pdbx_description
1 polymer 'Cupin 2 conserved barrel domain protein'
2 non-polymer 'MANGANESE (II) ION'
3 water water
#
_entity_poly.entity_id   1
_entity_poly.type   'polypeptide(L)'
_entity_poly.pdbx_seq_one_letter_code
;MSLRAQTAPGRWDGVAVMPYKQTAEAPFQDVSRQLLFADPNLACEWRYFEVDEGGYSTLERHAHVHAVMIHRGHGQCLVG
ETISDVAQGDLVFIPPMTWHQFRANRGDCLGFLCVVNAARDRPQLPTADDLAELRKDERIADFIRTGGEGHHHHHH
;
_entity_poly.pdbx_strand_id   A,B
#
# COMPACT_ATOMS: atom_id res chain seq x y z
N SER A 2 9.37 11.10 -7.65
CA SER A 2 9.33 11.87 -6.36
C SER A 2 9.60 10.91 -5.19
N LEU A 3 10.24 11.42 -4.14
CA LEU A 3 10.45 10.67 -2.91
C LEU A 3 9.92 11.46 -1.73
N ARG A 4 9.15 10.79 -0.89
CA ARG A 4 8.73 11.35 0.38
C ARG A 4 9.10 10.28 1.43
N ALA A 5 10.18 10.54 2.16
CA ALA A 5 10.72 9.53 3.05
C ALA A 5 9.89 9.36 4.31
N GLN A 6 9.77 8.15 4.84
CA GLN A 6 9.18 7.95 6.15
CA GLN A 6 9.13 7.99 6.14
C GLN A 6 10.05 8.66 7.17
N THR A 7 9.45 9.38 8.11
CA THR A 7 10.22 10.07 9.15
C THR A 7 10.00 9.48 10.55
N ALA A 8 8.88 8.78 10.72
CA ALA A 8 8.54 8.06 11.95
C ALA A 8 7.43 7.10 11.56
N PRO A 9 7.03 6.15 12.45
CA PRO A 9 5.87 5.32 12.08
C PRO A 9 4.63 6.14 11.77
N GLY A 10 4.07 5.96 10.59
CA GLY A 10 2.88 6.70 10.20
C GLY A 10 3.12 8.17 9.89
N ARG A 11 4.36 8.54 9.60
CA ARG A 11 4.70 9.93 9.24
C ARG A 11 5.69 10.00 8.12
N TRP A 12 5.49 10.96 7.20
CA TRP A 12 6.31 11.14 6.03
C TRP A 12 6.63 12.61 5.79
N ASP A 13 7.83 12.85 5.34
CA ASP A 13 8.29 14.17 4.87
C ASP A 13 7.40 14.59 3.72
N GLY A 14 6.83 15.75 3.86
CA GLY A 14 5.98 16.34 2.83
C GLY A 14 4.57 15.78 2.79
N VAL A 15 4.16 15.08 3.87
CA VAL A 15 2.79 14.61 3.97
C VAL A 15 2.20 15.16 5.24
N ALA A 16 1.04 15.82 5.12
CA ALA A 16 0.34 16.41 6.27
C ALA A 16 -0.63 15.47 6.92
N VAL A 17 -0.57 15.44 8.24
CA VAL A 17 -1.55 14.72 9.00
C VAL A 17 -2.84 15.55 9.07
N MET A 18 -3.97 14.96 8.70
CA MET A 18 -5.29 15.66 8.66
C MET A 18 -6.29 15.00 9.62
N PRO A 19 -6.35 15.47 10.88
CA PRO A 19 -7.34 14.86 11.77
C PRO A 19 -8.76 15.09 11.27
N TYR A 20 -9.62 14.08 11.43
CA TYR A 20 -11.05 14.25 11.25
C TYR A 20 -11.54 15.10 12.44
N LYS A 21 -12.20 16.22 12.18
CA LYS A 21 -12.67 17.06 13.30
C LYS A 21 -13.81 16.39 14.05
N GLN A 22 -13.61 16.29 15.35
CA GLN A 22 -14.41 15.48 16.25
C GLN A 22 -15.65 16.24 16.75
N THR A 23 -16.83 15.94 16.23
CA THR A 23 -18.08 16.55 16.76
C THR A 23 -18.61 15.68 17.91
N ALA A 24 -19.62 16.21 18.62
CA ALA A 24 -20.28 15.45 19.68
C ALA A 24 -20.97 14.25 19.08
N GLU A 25 -21.57 14.47 17.91
CA GLU A 25 -22.35 13.46 17.22
C GLU A 25 -21.54 12.66 16.18
N ALA A 26 -20.23 12.88 16.12
CA ALA A 26 -19.37 12.17 15.17
C ALA A 26 -19.45 10.66 15.37
N PRO A 27 -19.62 9.88 14.27
CA PRO A 27 -19.66 8.41 14.37
C PRO A 27 -18.26 7.75 14.37
N PHE A 28 -17.22 8.55 14.55
CA PHE A 28 -15.85 8.08 14.67
C PHE A 28 -15.23 8.72 15.90
N GLN A 29 -14.05 8.24 16.26
CA GLN A 29 -13.31 8.80 17.38
C GLN A 29 -11.79 8.75 17.18
N ASP A 30 -11.16 9.92 17.25
CA ASP A 30 -9.70 10.09 17.26
C ASP A 30 -9.03 9.42 16.05
N VAL A 31 -9.45 9.84 14.86
CA VAL A 31 -8.93 9.31 13.60
C VAL A 31 -8.33 10.44 12.76
N SER A 32 -7.26 10.13 12.06
CA SER A 32 -6.65 11.02 11.08
C SER A 32 -6.38 10.26 9.79
N ARG A 33 -6.16 11.02 8.72
CA ARG A 33 -5.95 10.46 7.41
C ARG A 33 -4.82 11.25 6.81
N GLN A 34 -4.04 10.58 6.01
CA GLN A 34 -3.01 11.21 5.24
C GLN A 34 -3.20 10.71 3.84
N LEU A 35 -2.97 11.60 2.88
CA LEU A 35 -3.06 11.22 1.47
C LEU A 35 -1.67 10.86 0.98
N LEU A 36 -1.47 9.59 0.68
CA LEU A 36 -0.18 9.13 0.19
C LEU A 36 -0.05 9.27 -1.32
N PHE A 37 -1.07 8.82 -2.03
CA PHE A 37 -0.99 8.92 -3.50
C PHE A 37 -2.36 9.24 -4.06
N ALA A 38 -2.40 10.25 -4.94
CA ALA A 38 -3.62 10.52 -5.77
C ALA A 38 -3.04 11.24 -6.97
N ASP A 39 -3.49 10.88 -8.15
CA ASP A 39 -2.93 11.43 -9.36
C ASP A 39 -3.95 11.23 -10.46
N PRO A 40 -4.01 12.16 -11.43
CA PRO A 40 -4.96 11.98 -12.53
C PRO A 40 -4.77 10.66 -13.27
N ASN A 41 -3.55 10.15 -13.31
CA ASN A 41 -3.23 8.94 -14.03
C ASN A 41 -3.27 7.67 -13.18
N LEU A 42 -3.67 7.78 -11.92
CA LEU A 42 -3.82 6.58 -11.05
C LEU A 42 -5.28 6.38 -10.76
N ALA A 43 -5.81 5.19 -11.05
CA ALA A 43 -7.26 4.94 -10.94
C ALA A 43 -7.74 4.83 -9.49
N CYS A 44 -6.82 4.71 -8.51
CA CYS A 44 -7.16 4.58 -7.10
C CYS A 44 -6.49 5.67 -6.26
N GLU A 45 -6.96 5.84 -5.03
CA GLU A 45 -6.38 6.75 -4.04
C GLU A 45 -5.83 5.88 -2.89
N TRP A 46 -4.64 6.24 -2.40
CA TRP A 46 -3.98 5.43 -1.38
C TRP A 46 -3.78 6.38 -0.19
N ARG A 47 -4.40 6.05 0.93
CA ARG A 47 -4.35 6.82 2.13
C ARG A 47 -3.81 6.00 3.27
N TYR A 48 -3.43 6.70 4.31
CA TYR A 48 -3.08 6.09 5.61
C TYR A 48 -3.97 6.68 6.67
N PHE A 49 -4.65 5.80 7.39
CA PHE A 49 -5.60 6.19 8.40
C PHE A 49 -4.97 5.81 9.70
N GLU A 50 -5.01 6.70 10.67
CA GLU A 50 -4.48 6.41 12.00
C GLU A 50 -5.57 6.64 13.06
N VAL A 51 -5.83 5.62 13.86
CA VAL A 51 -6.85 5.63 14.89
C VAL A 51 -6.06 5.67 16.19
N ASP A 52 -6.20 6.74 16.97
CA ASP A 52 -5.45 6.79 18.24
C ASP A 52 -5.99 5.66 19.13
N GLU A 53 -5.16 5.27 20.09
CA GLU A 53 -5.58 4.28 21.09
C GLU A 53 -6.98 4.59 21.64
N GLY A 54 -7.87 3.60 21.60
CA GLY A 54 -9.25 3.69 22.09
C GLY A 54 -10.26 4.27 21.06
N GLY A 55 -9.78 4.70 19.90
CA GLY A 55 -10.65 5.28 18.90
C GLY A 55 -11.25 4.23 17.98
N TYR A 56 -11.99 4.71 16.99
CA TYR A 56 -12.57 3.83 15.99
C TYR A 56 -12.90 4.61 14.74
N SER A 57 -12.94 3.90 13.61
CA SER A 57 -13.40 4.50 12.35
C SER A 57 -14.93 4.38 12.30
N THR A 58 -15.57 5.01 11.33
CA THR A 58 -17.02 4.97 11.35
C THR A 58 -17.57 3.65 10.80
N LEU A 59 -18.58 3.13 11.48
CA LEU A 59 -19.30 1.97 11.02
C LEU A 59 -20.11 2.38 9.78
N GLU A 60 -19.85 1.72 8.66
CA GLU A 60 -20.43 2.11 7.38
C GLU A 60 -20.38 0.98 6.36
N ARG A 61 -21.04 1.20 5.20
CA ARG A 61 -20.89 0.33 4.06
C ARG A 61 -21.14 1.12 2.81
N HIS A 62 -20.75 0.52 1.70
CA HIS A 62 -20.79 1.19 0.40
C HIS A 62 -20.48 0.12 -0.61
N ALA A 63 -20.90 0.32 -1.86
CA ALA A 63 -20.60 -0.60 -2.93
C ALA A 63 -19.10 -0.75 -3.19
N HIS A 64 -18.36 0.34 -3.03
CA HIS A 64 -16.94 0.31 -3.35
C HIS A 64 -16.17 -0.57 -2.33
N VAL A 65 -15.13 -1.26 -2.82
CA VAL A 65 -14.35 -2.17 -1.96
C VAL A 65 -13.16 -1.43 -1.33
N HIS A 66 -12.61 -2.01 -0.25
CA HIS A 66 -11.41 -1.54 0.39
C HIS A 66 -10.31 -2.61 0.36
N ALA A 67 -9.12 -2.20 -0.01
CA ALA A 67 -7.91 -3.00 0.17
C ALA A 67 -7.13 -2.31 1.28
N VAL A 68 -6.96 -3.04 2.39
CA VAL A 68 -6.33 -2.52 3.61
C VAL A 68 -5.11 -3.36 4.01
N MET A 69 -4.03 -2.67 4.38
CA MET A 69 -2.84 -3.28 4.95
C MET A 69 -2.51 -2.56 6.23
N ILE A 70 -2.46 -3.31 7.32
CA ILE A 70 -2.10 -2.72 8.59
C ILE A 70 -0.65 -2.22 8.56
N HIS A 71 -0.46 -0.98 8.98
CA HIS A 71 0.86 -0.33 8.93
C HIS A 71 1.48 -0.12 10.30
N ARG A 72 0.68 0.15 11.32
CA ARG A 72 1.21 0.52 12.65
C ARG A 72 0.30 -0.04 13.71
N GLY A 73 0.89 -0.46 14.83
CA GLY A 73 0.11 -0.95 15.96
C GLY A 73 -0.74 -2.17 15.70
N HIS A 74 -1.85 -2.27 16.45
CA HIS A 74 -2.75 -3.40 16.35
C HIS A 74 -4.10 -3.09 16.97
N GLY A 75 -5.08 -3.93 16.72
CA GLY A 75 -6.49 -3.60 16.97
C GLY A 75 -7.43 -4.67 16.51
N GLN A 76 -8.66 -4.30 16.16
CA GLN A 76 -9.63 -5.25 15.67
C GLN A 76 -10.43 -4.63 14.57
N CYS A 77 -10.96 -5.46 13.70
CA CYS A 77 -11.94 -4.99 12.76
C CYS A 77 -13.15 -5.88 12.68
N LEU A 78 -14.26 -5.25 12.32
CA LEU A 78 -15.46 -5.93 11.95
C LEU A 78 -15.58 -5.84 10.44
N VAL A 79 -15.69 -6.99 9.78
CA VAL A 79 -15.97 -7.03 8.37
C VAL A 79 -17.15 -7.98 8.20
N GLY A 80 -18.31 -7.44 7.86
CA GLY A 80 -19.52 -8.24 7.73
C GLY A 80 -19.99 -8.77 9.09
N GLU A 81 -19.77 -10.05 9.33
CA GLU A 81 -20.14 -10.70 10.62
C GLU A 81 -18.90 -11.22 11.35
N THR A 82 -17.72 -10.88 10.86
CA THR A 82 -16.48 -11.45 11.38
C THR A 82 -15.68 -10.39 12.12
N ILE A 83 -15.33 -10.65 13.38
CA ILE A 83 -14.46 -9.74 14.12
C ILE A 83 -13.08 -10.37 14.18
N SER A 84 -12.06 -9.68 13.69
CA SER A 84 -10.70 -10.21 13.63
C SER A 84 -9.74 -9.33 14.38
N ASP A 85 -8.72 -9.99 14.91
CA ASP A 85 -7.52 -9.33 15.37
C ASP A 85 -6.66 -8.93 14.17
N VAL A 86 -6.10 -7.71 14.20
CA VAL A 86 -5.24 -7.23 13.11
C VAL A 86 -3.98 -6.62 13.67
N ALA A 87 -2.88 -6.86 12.97
CA ALA A 87 -1.55 -6.42 13.40
C ALA A 87 -0.74 -6.01 12.19
N GLN A 88 0.44 -5.41 12.43
CA GLN A 88 1.30 -4.90 11.36
C GLN A 88 1.52 -5.84 10.17
N GLY A 89 1.15 -5.34 8.99
CA GLY A 89 1.29 -6.12 7.78
C GLY A 89 0.10 -6.93 7.31
N ASP A 90 -0.90 -7.15 8.17
CA ASP A 90 -2.05 -7.96 7.82
C ASP A 90 -2.86 -7.33 6.67
N LEU A 91 -3.35 -8.16 5.79
CA LEU A 91 -4.13 -7.70 4.63
C LEU A 91 -5.60 -7.94 4.91
N VAL A 92 -6.40 -6.91 4.78
CA VAL A 92 -7.84 -7.04 4.93
C VAL A 92 -8.51 -6.56 3.62
N PHE A 93 -9.42 -7.37 3.12
CA PHE A 93 -10.23 -7.00 1.97
C PHE A 93 -11.66 -6.86 2.38
N ILE A 94 -12.28 -5.74 2.04
CA ILE A 94 -13.68 -5.49 2.38
C ILE A 94 -14.52 -5.46 1.12
N PRO A 95 -15.39 -6.47 0.95
CA PRO A 95 -16.18 -6.57 -0.25
C PRO A 95 -17.40 -5.64 -0.28
N PRO A 96 -18.10 -5.55 -1.43
CA PRO A 96 -19.15 -4.54 -1.59
C PRO A 96 -20.26 -4.66 -0.57
N MET A 97 -20.75 -3.52 -0.13
CA MET A 97 -21.99 -3.36 0.70
C MET A 97 -21.94 -4.24 1.90
N THR A 98 -20.80 -4.17 2.59
CA THR A 98 -20.47 -4.99 3.73
C THR A 98 -20.10 -4.06 4.87
N TRP A 99 -20.83 -4.18 5.98
CA TRP A 99 -20.63 -3.34 7.16
C TRP A 99 -19.18 -3.54 7.71
N HIS A 100 -18.53 -2.44 8.07
CA HIS A 100 -17.19 -2.50 8.61
C HIS A 100 -16.83 -1.36 9.52
N GLN A 101 -15.93 -1.67 10.45
CA GLN A 101 -15.42 -0.73 11.41
C GLN A 101 -14.08 -1.25 11.96
N PHE A 102 -13.14 -0.35 12.21
CA PHE A 102 -11.85 -0.67 12.81
C PHE A 102 -11.80 -0.01 14.17
N ARG A 103 -11.25 -0.73 15.14
CA ARG A 103 -11.12 -0.22 16.51
C ARG A 103 -9.72 -0.41 17.00
N ALA A 104 -9.18 0.64 17.59
CA ALA A 104 -7.91 0.59 18.27
C ALA A 104 -8.20 0.20 19.74
N ASN A 105 -8.75 -0.98 19.91
CA ASN A 105 -9.23 -1.44 21.21
C ASN A 105 -8.32 -2.46 21.85
N ARG A 106 -7.02 -2.39 21.55
CA ARG A 106 -6.06 -3.38 22.09
C ARG A 106 -4.78 -2.78 22.69
N GLY A 107 -4.87 -1.55 23.18
CA GLY A 107 -3.81 -0.96 23.95
C GLY A 107 -2.88 -0.08 23.21
N ASP A 108 -3.07 0.04 21.89
CA ASP A 108 -2.14 0.74 21.02
C ASP A 108 -2.95 1.57 20.03
N CYS A 109 -2.26 2.41 19.27
CA CYS A 109 -2.87 3.06 18.13
C CYS A 109 -2.95 2.00 17.06
N LEU A 110 -3.75 2.27 16.04
CA LEU A 110 -3.86 1.37 14.92
C LEU A 110 -3.80 2.23 13.69
N GLY A 111 -2.78 2.00 12.87
CA GLY A 111 -2.65 2.70 11.57
C GLY A 111 -2.75 1.74 10.41
N PHE A 112 -3.43 2.15 9.34
CA PHE A 112 -3.57 1.25 8.19
C PHE A 112 -3.58 1.99 6.87
N LEU A 113 -3.03 1.33 5.87
CA LEU A 113 -3.05 1.79 4.49
C LEU A 113 -4.39 1.39 3.93
N CYS A 114 -4.98 2.25 3.09
CA CYS A 114 -6.27 1.97 2.53
C CYS A 114 -6.23 2.41 1.06
N VAL A 115 -6.49 1.49 0.14
CA VAL A 115 -6.57 1.76 -1.27
C VAL A 115 -8.04 1.59 -1.73
N VAL A 116 -8.55 2.61 -2.42
CA VAL A 116 -9.95 2.60 -2.93
C VAL A 116 -9.97 3.25 -4.30
N ASN A 117 -10.99 2.95 -5.09
CA ASN A 117 -11.12 3.60 -6.41
C ASN A 117 -11.27 5.11 -6.28
N ALA A 118 -10.69 5.82 -7.24
CA ALA A 118 -10.79 7.29 -7.24
C ALA A 118 -12.25 7.75 -7.42
N ALA A 119 -12.97 7.04 -8.26
CA ALA A 119 -14.38 7.28 -8.53
C ALA A 119 -15.09 6.18 -7.80
N ARG A 120 -15.84 6.56 -6.77
CA ARG A 120 -16.48 5.58 -5.90
C ARG A 120 -17.73 6.15 -5.31
N ASP A 121 -18.55 5.30 -4.70
CA ASP A 121 -19.81 5.76 -4.14
C ASP A 121 -19.60 6.24 -2.72
N ARG A 122 -20.54 7.02 -2.21
CA ARG A 122 -20.37 7.59 -0.87
C ARG A 122 -20.69 6.58 0.22
N PRO A 123 -20.03 6.68 1.38
CA PRO A 123 -20.36 5.78 2.46
C PRO A 123 -21.78 5.93 2.91
N GLN A 124 -22.36 4.82 3.35
CA GLN A 124 -23.71 4.76 3.91
C GLN A 124 -23.60 4.46 5.40
N LEU A 125 -24.20 5.32 6.22
CA LEU A 125 -24.19 5.15 7.67
C LEU A 125 -25.43 4.38 8.10
N PRO A 126 -25.35 3.68 9.25
CA PRO A 126 -26.44 2.80 9.63
C PRO A 126 -27.69 3.55 10.09
N THR A 127 -28.87 3.09 9.66
CA THR A 127 -30.15 3.61 10.18
C THR A 127 -30.48 2.86 11.47
N ALA A 128 -31.53 3.29 12.17
CA ALA A 128 -31.92 2.60 13.41
C ALA A 128 -32.22 1.12 13.12
N ASP A 129 -32.89 0.88 11.99
CA ASP A 129 -33.21 -0.49 11.55
C ASP A 129 -31.96 -1.30 11.21
N ASP A 130 -30.99 -0.68 10.53
CA ASP A 130 -29.66 -1.30 10.30
C ASP A 130 -29.07 -1.70 11.65
N LEU A 131 -29.00 -0.74 12.57
CA LEU A 131 -28.40 -0.97 13.90
C LEU A 131 -29.12 -2.09 14.65
N ALA A 132 -30.46 -2.02 14.63
CA ALA A 132 -31.31 -3.06 15.21
C ALA A 132 -30.91 -4.40 14.64
N GLU A 133 -30.89 -4.46 13.33
CA GLU A 133 -30.56 -5.68 12.60
C GLU A 133 -29.13 -6.20 12.94
N LEU A 134 -28.14 -5.29 13.02
CA LEU A 134 -26.78 -5.70 13.41
C LEU A 134 -26.71 -6.24 14.84
N ARG A 135 -27.41 -5.57 15.74
CA ARG A 135 -27.34 -5.87 17.16
C ARG A 135 -28.05 -7.19 17.57
N LYS A 136 -28.78 -7.81 16.63
CA LYS A 136 -29.27 -9.19 16.82
C LYS A 136 -28.14 -10.19 17.15
N ASP A 137 -26.97 -9.99 16.55
CA ASP A 137 -25.81 -10.82 16.89
C ASP A 137 -25.15 -10.18 18.12
N GLU A 138 -25.08 -10.92 19.23
CA GLU A 138 -24.55 -10.38 20.50
C GLU A 138 -23.09 -9.91 20.40
N ARG A 139 -22.26 -10.66 19.67
CA ARG A 139 -20.83 -10.30 19.52
C ARG A 139 -20.65 -9.00 18.72
N ILE A 140 -21.40 -8.83 17.64
CA ILE A 140 -21.39 -7.55 16.89
C ILE A 140 -21.97 -6.39 17.73
N ALA A 141 -23.06 -6.62 18.47
CA ALA A 141 -23.65 -5.58 19.35
C ALA A 141 -22.63 -5.02 20.34
N ASP A 142 -21.84 -5.92 20.91
CA ASP A 142 -20.80 -5.55 21.88
C ASP A 142 -19.65 -4.78 21.22
N PHE A 143 -19.33 -5.11 19.97
CA PHE A 143 -18.16 -4.57 19.29
C PHE A 143 -18.40 -3.20 18.69
N ILE A 144 -19.51 -3.02 17.98
CA ILE A 144 -19.68 -1.78 17.23
C ILE A 144 -19.73 -0.52 18.09
N ARG A 145 -19.27 0.58 17.51
CA ARG A 145 -19.37 1.89 18.13
C ARG A 145 -20.04 2.90 17.18
N THR A 146 -21.14 3.49 17.67
CA THR A 146 -21.86 4.50 16.92
C THR A 146 -21.47 5.90 17.34
N SER B 2 -12.14 -10.41 4.23
CA SER B 2 -11.09 -11.47 4.36
C SER B 2 -9.87 -10.90 5.04
N LEU B 3 -9.17 -11.76 5.77
CA LEU B 3 -7.92 -11.46 6.46
C LEU B 3 -6.81 -12.44 6.03
N ARG B 4 -5.72 -11.90 5.57
CA ARG B 4 -4.51 -12.68 5.32
C ARG B 4 -3.42 -12.09 6.18
N ALA B 5 -3.13 -12.79 7.28
CA ALA B 5 -2.13 -12.29 8.23
C ALA B 5 -0.70 -12.36 7.71
N GLN B 6 0.10 -11.35 8.02
CA GLN B 6 1.52 -11.37 7.78
CA GLN B 6 1.53 -11.39 7.75
C GLN B 6 2.11 -12.48 8.65
N THR B 7 2.99 -13.29 8.10
CA THR B 7 3.61 -14.38 8.85
C THR B 7 5.10 -14.17 9.07
N ALA B 8 5.71 -13.32 8.27
CA ALA B 8 7.11 -12.96 8.38
C ALA B 8 7.23 -11.67 7.60
N PRO B 9 8.34 -10.94 7.74
CA PRO B 9 8.47 -9.77 6.85
C PRO B 9 8.37 -10.15 5.36
N GLY B 10 7.47 -9.47 4.65
CA GLY B 10 7.21 -9.80 3.23
C GLY B 10 6.60 -11.17 2.95
N ARG B 11 5.94 -11.75 3.94
CA ARG B 11 5.25 -13.01 3.74
C ARG B 11 3.90 -12.97 4.39
N TRP B 12 2.92 -13.53 3.69
CA TRP B 12 1.57 -13.59 4.17
C TRP B 12 0.90 -14.94 3.95
N ASP B 13 0.01 -15.29 4.87
CA ASP B 13 -0.90 -16.43 4.71
C ASP B 13 -1.74 -16.28 3.45
N GLY B 14 -1.74 -17.31 2.60
CA GLY B 14 -2.54 -17.37 1.38
C GLY B 14 -2.00 -16.55 0.21
N VAL B 15 -0.78 -16.05 0.34
CA VAL B 15 -0.11 -15.33 -0.74
C VAL B 15 1.14 -16.09 -1.13
N ALA B 16 1.21 -16.45 -2.39
CA ALA B 16 2.32 -17.24 -2.89
C ALA B 16 3.44 -16.37 -3.43
N VAL B 17 4.67 -16.73 -3.11
CA VAL B 17 5.83 -16.02 -3.64
C VAL B 17 6.16 -16.60 -5.01
N MET B 18 6.27 -15.75 -6.04
CA MET B 18 6.56 -16.22 -7.40
C MET B 18 7.89 -15.63 -7.89
N PRO B 19 8.96 -16.42 -7.85
CA PRO B 19 10.23 -15.80 -8.29
C PRO B 19 10.21 -15.60 -9.79
N TYR B 20 10.85 -14.56 -10.27
CA TYR B 20 10.97 -14.38 -11.70
C TYR B 20 12.08 -15.29 -12.19
N LYS B 21 11.86 -15.93 -13.34
CA LYS B 21 12.76 -16.94 -13.83
C LYS B 21 14.03 -16.25 -14.33
N GLN B 22 15.14 -16.71 -13.77
CA GLN B 22 16.42 -16.02 -13.90
C GLN B 22 17.18 -16.66 -15.07
N THR B 23 17.17 -16.01 -16.23
CA THR B 23 17.95 -16.44 -17.41
C THR B 23 19.22 -15.59 -17.58
N ALA B 24 20.26 -16.20 -18.15
CA ALA B 24 21.56 -15.56 -18.33
C ALA B 24 21.46 -14.17 -18.97
N GLU B 25 20.52 -14.02 -19.91
CA GLU B 25 20.21 -12.73 -20.56
C GLU B 25 19.33 -11.74 -19.74
N ALA B 26 18.86 -12.15 -18.56
CA ALA B 26 17.77 -11.42 -17.88
C ALA B 26 18.21 -10.02 -17.49
N PRO B 27 17.34 -9.03 -17.73
CA PRO B 27 17.62 -7.65 -17.38
C PRO B 27 17.37 -7.34 -15.90
N PHE B 28 17.10 -8.35 -15.09
CA PHE B 28 16.85 -8.21 -13.67
C PHE B 28 17.62 -9.29 -12.96
N GLN B 29 17.75 -9.16 -11.65
CA GLN B 29 18.44 -10.13 -10.82
C GLN B 29 17.77 -10.37 -9.48
N ASP B 30 17.34 -11.60 -9.27
CA ASP B 30 16.85 -12.11 -8.00
C ASP B 30 15.64 -11.32 -7.44
N VAL B 31 14.55 -11.34 -8.21
CA VAL B 31 13.32 -10.63 -7.92
C VAL B 31 12.16 -11.65 -7.88
N SER B 32 11.24 -11.42 -6.94
CA SER B 32 10.00 -12.18 -6.83
C SER B 32 8.80 -11.26 -6.75
N ARG B 33 7.63 -11.84 -7.03
CA ARG B 33 6.39 -11.08 -6.97
C ARG B 33 5.35 -11.79 -6.17
N GLN B 34 4.50 -10.98 -5.51
CA GLN B 34 3.39 -11.46 -4.72
C GLN B 34 2.21 -10.56 -5.02
N LEU B 35 1.08 -11.17 -5.25
CA LEU B 35 -0.15 -10.41 -5.53
C LEU B 35 -0.96 -10.25 -4.29
N LEU B 36 -1.02 -9.02 -3.80
CA LEU B 36 -1.68 -8.77 -2.51
C LEU B 36 -3.18 -8.53 -2.75
N PHE B 37 -3.51 -7.66 -3.71
CA PHE B 37 -4.96 -7.40 -4.00
C PHE B 37 -5.19 -7.24 -5.49
N ALA B 38 -6.20 -7.95 -6.00
CA ALA B 38 -6.70 -7.72 -7.36
C ALA B 38 -8.15 -8.18 -7.32
N ASP B 39 -9.06 -7.35 -7.84
CA ASP B 39 -10.47 -7.69 -7.73
C ASP B 39 -11.23 -6.97 -8.84
N PRO B 40 -12.30 -7.58 -9.35
CA PRO B 40 -13.00 -6.93 -10.49
C PRO B 40 -13.51 -5.52 -10.17
N ASN B 41 -13.81 -5.27 -8.91
CA ASN B 41 -14.26 -3.95 -8.47
C ASN B 41 -13.14 -2.96 -8.04
N LEU B 42 -11.88 -3.37 -8.16
CA LEU B 42 -10.77 -2.49 -7.81
C LEU B 42 -10.05 -2.13 -9.08
N ALA B 43 -9.86 -0.83 -9.30
CA ALA B 43 -9.35 -0.37 -10.54
C ALA B 43 -7.81 -0.56 -10.65
N CYS B 44 -7.17 -0.84 -9.53
CA CYS B 44 -5.73 -1.02 -9.47
C CYS B 44 -5.40 -2.38 -8.88
N GLU B 45 -4.17 -2.82 -9.10
CA GLU B 45 -3.64 -4.04 -8.49
C GLU B 45 -2.52 -3.63 -7.57
N TRP B 46 -2.36 -4.36 -6.49
CA TRP B 46 -1.41 -4.02 -5.44
C TRP B 46 -0.53 -5.24 -5.29
N ARG B 47 0.75 -5.06 -5.58
CA ARG B 47 1.71 -6.16 -5.53
C ARG B 47 2.83 -5.84 -4.52
N TYR B 48 3.58 -6.88 -4.17
CA TYR B 48 4.79 -6.69 -3.37
C TYR B 48 5.89 -7.38 -4.14
N PHE B 49 6.94 -6.63 -4.45
CA PHE B 49 8.14 -7.16 -5.11
C PHE B 49 9.28 -7.24 -4.11
N GLU B 50 10.06 -8.31 -4.18
CA GLU B 50 11.19 -8.45 -3.30
C GLU B 50 12.43 -8.70 -4.12
N VAL B 51 13.45 -7.86 -3.92
CA VAL B 51 14.74 -7.93 -4.63
C VAL B 51 15.72 -8.49 -3.60
N ASP B 52 16.28 -9.67 -3.86
CA ASP B 52 17.26 -10.26 -2.93
C ASP B 52 18.46 -9.29 -2.84
N GLU B 53 19.18 -9.39 -1.72
CA GLU B 53 20.40 -8.59 -1.51
C GLU B 53 21.33 -8.77 -2.70
N GLY B 54 21.78 -7.65 -3.27
CA GLY B 54 22.60 -7.67 -4.45
C GLY B 54 21.86 -7.58 -5.75
N GLY B 55 20.54 -7.81 -5.72
CA GLY B 55 19.78 -7.83 -6.94
C GLY B 55 19.28 -6.50 -7.45
N TYR B 56 18.53 -6.55 -8.55
CA TYR B 56 17.91 -5.37 -9.11
C TYR B 56 16.72 -5.69 -9.97
N SER B 57 15.81 -4.73 -10.05
CA SER B 57 14.63 -4.83 -10.92
C SER B 57 15.02 -4.37 -12.32
N THR B 58 14.20 -4.66 -13.31
CA THR B 58 14.62 -4.30 -14.66
C THR B 58 14.48 -2.79 -14.94
N LEU B 59 15.52 -2.24 -15.57
CA LEU B 59 15.52 -0.86 -15.97
C LEU B 59 14.52 -0.71 -17.10
N GLU B 60 13.54 0.15 -16.91
CA GLU B 60 12.45 0.26 -17.85
C GLU B 60 11.69 1.56 -17.73
N ARG B 61 10.85 1.79 -18.72
CA ARG B 61 9.90 2.88 -18.63
C ARG B 61 8.60 2.50 -19.34
N HIS B 62 7.54 3.24 -19.07
CA HIS B 62 6.21 3.01 -19.65
C HIS B 62 5.30 4.19 -19.36
N ALA B 63 4.18 4.30 -20.08
CA ALA B 63 3.22 5.36 -19.81
C ALA B 63 2.59 5.26 -18.42
N HIS B 64 2.24 4.04 -17.98
CA HIS B 64 1.50 3.91 -16.71
C HIS B 64 2.41 4.30 -15.54
N VAL B 65 1.81 4.88 -14.52
CA VAL B 65 2.52 5.40 -13.33
C VAL B 65 2.62 4.27 -12.28
N HIS B 66 3.55 4.40 -11.34
CA HIS B 66 3.70 3.43 -10.27
C HIS B 66 3.60 4.26 -8.98
N ALA B 67 2.84 3.73 -8.01
CA ALA B 67 2.85 4.26 -6.66
C ALA B 67 3.53 3.17 -5.84
N VAL B 68 4.69 3.49 -5.27
CA VAL B 68 5.52 2.52 -4.55
C VAL B 68 5.73 2.93 -3.10
N MET B 69 5.68 1.97 -2.20
CA MET B 69 6.10 2.22 -0.83
C MET B 69 7.05 1.12 -0.44
N ILE B 70 8.18 1.50 0.13
CA ILE B 70 9.15 0.48 0.53
C ILE B 70 8.58 -0.25 1.73
N HIS B 71 8.68 -1.56 1.71
CA HIS B 71 8.12 -2.38 2.78
C HIS B 71 9.14 -3.13 3.64
N ARG B 72 10.29 -3.45 3.09
CA ARG B 72 11.25 -4.30 3.81
C ARG B 72 12.63 -3.88 3.34
N GLY B 73 13.57 -3.81 4.30
CA GLY B 73 14.96 -3.55 3.99
C GLY B 73 15.25 -2.16 3.49
N HIS B 74 16.30 -2.05 2.68
CA HIS B 74 16.65 -0.77 2.10
C HIS B 74 17.55 -0.93 0.92
N GLY B 75 17.70 0.17 0.20
CA GLY B 75 18.38 0.11 -1.07
C GLY B 75 18.42 1.46 -1.72
N GLN B 76 18.45 1.45 -3.05
CA GLN B 76 18.44 2.67 -3.84
C GLN B 76 17.54 2.53 -5.02
N CYS B 77 17.13 3.65 -5.57
CA CYS B 77 16.40 3.62 -6.83
C CYS B 77 16.80 4.72 -7.77
N LEU B 78 16.70 4.44 -9.07
CA LEU B 78 16.79 5.48 -10.07
C LEU B 78 15.40 5.74 -10.50
N VAL B 79 14.99 7.02 -10.47
CA VAL B 79 13.78 7.50 -11.10
C VAL B 79 14.12 8.75 -11.91
N GLY B 80 14.11 8.59 -13.24
CA GLY B 80 14.32 9.70 -14.14
C GLY B 80 15.79 10.02 -14.15
N GLU B 81 16.14 11.17 -13.57
CA GLU B 81 17.53 11.57 -13.46
C GLU B 81 18.08 11.32 -12.06
N THR B 82 17.21 10.97 -11.10
CA THR B 82 17.56 11.03 -9.70
C THR B 82 17.75 9.67 -9.05
N ILE B 83 18.88 9.52 -8.35
CA ILE B 83 19.18 8.30 -7.62
C ILE B 83 18.94 8.64 -6.16
N SER B 84 18.03 7.89 -5.52
CA SER B 84 17.70 8.09 -4.11
C SER B 84 18.00 6.87 -3.26
N ASP B 85 18.39 7.11 -2.04
CA ASP B 85 18.37 6.08 -1.02
C ASP B 85 16.89 5.84 -0.63
N VAL B 86 16.52 4.59 -0.49
CA VAL B 86 15.19 4.26 -0.03
C VAL B 86 15.21 3.27 1.11
N ALA B 87 14.34 3.49 2.08
CA ALA B 87 14.22 2.66 3.30
C ALA B 87 12.78 2.41 3.62
N GLN B 88 12.55 1.56 4.63
CA GLN B 88 11.20 1.15 5.00
CA GLN B 88 11.21 1.15 5.07
C GLN B 88 10.25 2.33 5.14
N GLY B 89 9.11 2.23 4.45
CA GLY B 89 8.09 3.26 4.51
C GLY B 89 8.14 4.34 3.44
N ASP B 90 9.28 4.48 2.75
CA ASP B 90 9.44 5.63 1.85
C ASP B 90 8.44 5.54 0.67
N LEU B 91 7.86 6.67 0.28
CA LEU B 91 6.93 6.76 -0.83
C LEU B 91 7.67 7.24 -2.09
N VAL B 92 7.57 6.46 -3.15
CA VAL B 92 8.13 6.82 -4.44
C VAL B 92 7.00 6.83 -5.44
N PHE B 93 6.84 7.95 -6.14
CA PHE B 93 5.93 8.04 -7.25
C PHE B 93 6.75 8.06 -8.53
N ILE B 94 6.40 7.20 -9.49
CA ILE B 94 7.10 7.13 -10.78
C ILE B 94 6.15 7.63 -11.87
N PRO B 95 6.43 8.83 -12.41
CA PRO B 95 5.46 9.41 -13.35
C PRO B 95 5.61 8.79 -14.74
N PRO B 96 4.75 9.15 -15.69
CA PRO B 96 4.82 8.49 -16.99
C PRO B 96 6.16 8.63 -17.73
N MET B 97 6.49 7.58 -18.46
CA MET B 97 7.66 7.47 -19.35
C MET B 97 8.94 7.99 -18.70
N THR B 98 9.17 7.54 -17.48
CA THR B 98 10.34 7.87 -16.70
C THR B 98 11.11 6.57 -16.44
N TRP B 99 12.39 6.54 -16.79
CA TRP B 99 13.22 5.37 -16.57
C TRP B 99 13.27 5.12 -15.05
N HIS B 100 13.26 3.86 -14.66
CA HIS B 100 13.40 3.53 -13.24
C HIS B 100 13.99 2.17 -13.03
N GLN B 101 14.66 2.03 -11.88
CA GLN B 101 15.23 0.78 -11.49
C GLN B 101 15.48 0.82 -9.99
N PHE B 102 15.21 -0.30 -9.33
CA PHE B 102 15.49 -0.50 -7.91
C PHE B 102 16.65 -1.46 -7.74
N ARG B 103 17.58 -1.13 -6.84
CA ARG B 103 18.68 -2.01 -6.47
C ARG B 103 18.76 -2.31 -4.97
N ALA B 104 18.95 -3.56 -4.62
CA ALA B 104 19.25 -3.96 -3.26
C ALA B 104 20.79 -3.82 -3.09
N ASN B 105 21.28 -2.61 -3.15
CA ASN B 105 22.74 -2.35 -3.11
C ASN B 105 23.25 -1.71 -1.82
N ARG B 106 22.59 -2.01 -0.71
CA ARG B 106 22.96 -1.41 0.57
C ARG B 106 23.05 -2.43 1.67
N GLY B 107 23.29 -3.69 1.30
CA GLY B 107 23.64 -4.73 2.31
C GLY B 107 22.46 -5.44 2.91
N ASP B 108 21.34 -5.33 2.21
CA ASP B 108 20.08 -5.87 2.69
C ASP B 108 19.26 -6.25 1.44
N CYS B 109 18.19 -7.00 1.65
CA CYS B 109 17.20 -7.20 0.60
C CYS B 109 16.40 -5.90 0.54
N LEU B 110 15.58 -5.75 -0.50
CA LEU B 110 14.73 -4.57 -0.70
C LEU B 110 13.38 -5.08 -1.22
N GLY B 111 12.32 -4.81 -0.48
CA GLY B 111 10.94 -5.23 -0.82
C GLY B 111 10.07 -3.99 -0.86
N PHE B 112 9.22 -3.90 -1.87
CA PHE B 112 8.35 -2.76 -1.95
C PHE B 112 6.96 -3.12 -2.45
N LEU B 113 5.98 -2.34 -1.96
CA LEU B 113 4.60 -2.39 -2.44
C LEU B 113 4.53 -1.61 -3.70
N CYS B 114 3.72 -2.05 -4.64
CA CYS B 114 3.58 -1.36 -5.92
C CYS B 114 2.10 -1.39 -6.31
N VAL B 115 1.52 -0.23 -6.52
CA VAL B 115 0.13 -0.10 -6.96
C VAL B 115 0.14 0.49 -8.36
N VAL B 116 -0.56 -0.19 -9.27
CA VAL B 116 -0.63 0.24 -10.69
C VAL B 116 -2.06 0.04 -11.19
N ASN B 117 -2.48 0.79 -12.21
CA ASN B 117 -3.81 0.56 -12.80
C ASN B 117 -3.87 -0.85 -13.40
N ALA B 118 -5.04 -1.45 -13.34
CA ALA B 118 -5.22 -2.83 -13.82
C ALA B 118 -5.05 -2.83 -15.34
N ALA B 119 -5.42 -1.72 -15.99
CA ALA B 119 -5.32 -1.59 -17.45
C ALA B 119 -4.12 -0.73 -17.71
N ARG B 120 -3.09 -1.28 -18.31
CA ARG B 120 -1.86 -0.54 -18.49
C ARG B 120 -1.00 -1.11 -19.61
N ASP B 121 -0.12 -0.26 -20.11
CA ASP B 121 0.80 -0.63 -21.16
C ASP B 121 1.97 -1.47 -20.62
N ARG B 122 2.65 -2.14 -21.53
CA ARG B 122 3.74 -3.04 -21.19
C ARG B 122 5.05 -2.26 -21.00
N PRO B 123 5.96 -2.79 -20.20
CA PRO B 123 7.22 -2.06 -20.04
C PRO B 123 8.03 -1.95 -21.33
N GLN B 124 8.77 -0.86 -21.48
CA GLN B 124 9.69 -0.65 -22.60
C GLN B 124 11.12 -0.70 -22.08
N LEU B 125 11.93 -1.58 -22.67
CA LEU B 125 13.33 -1.70 -22.31
C LEU B 125 14.19 -0.70 -23.12
N PRO B 126 15.32 -0.28 -22.56
CA PRO B 126 16.14 0.71 -23.25
C PRO B 126 16.83 0.13 -24.48
N THR B 127 16.81 0.90 -25.57
CA THR B 127 17.59 0.57 -26.77
C THR B 127 19.05 0.93 -26.56
N ALA B 128 19.88 0.59 -27.55
CA ALA B 128 21.29 0.97 -27.54
C ALA B 128 21.43 2.48 -27.38
N ASP B 129 20.54 3.23 -28.03
CA ASP B 129 20.55 4.69 -27.98
C ASP B 129 20.20 5.23 -26.61
N ASP B 130 19.14 4.68 -26.03
CA ASP B 130 18.69 5.05 -24.70
C ASP B 130 19.83 4.91 -23.69
N LEU B 131 20.57 3.79 -23.74
CA LEU B 131 21.67 3.57 -22.78
C LEU B 131 22.82 4.57 -22.94
N ALA B 132 23.14 4.93 -24.18
CA ALA B 132 24.15 5.97 -24.44
C ALA B 132 23.66 7.31 -23.86
N GLU B 133 22.39 7.64 -24.08
CA GLU B 133 21.79 8.88 -23.53
C GLU B 133 21.92 8.96 -22.01
N LEU B 134 21.53 7.88 -21.34
CA LEU B 134 21.61 7.79 -19.90
C LEU B 134 23.04 7.79 -19.35
N ARG B 135 23.96 7.16 -20.06
CA ARG B 135 25.35 7.12 -19.61
C ARG B 135 26.11 8.43 -19.82
N LYS B 136 25.44 9.48 -20.32
CA LYS B 136 26.06 10.83 -20.35
C LYS B 136 26.20 11.37 -18.93
N ASP B 137 25.35 10.88 -18.00
CA ASP B 137 25.51 11.15 -16.57
C ASP B 137 26.36 10.05 -15.93
N GLU B 138 27.50 10.41 -15.35
CA GLU B 138 28.42 9.42 -14.76
C GLU B 138 27.75 8.65 -13.59
N ARG B 139 26.99 9.37 -12.77
CA ARG B 139 26.31 8.79 -11.61
C ARG B 139 25.34 7.69 -12.04
N ILE B 140 24.57 7.98 -13.09
CA ILE B 140 23.64 7.02 -13.66
C ILE B 140 24.36 5.83 -14.30
N ALA B 141 25.43 6.10 -15.05
CA ALA B 141 26.20 5.05 -15.70
C ALA B 141 26.72 4.02 -14.68
N ASP B 142 27.24 4.52 -13.56
CA ASP B 142 27.72 3.67 -12.48
C ASP B 142 26.56 2.85 -11.82
N PHE B 143 25.39 3.46 -11.74
CA PHE B 143 24.30 2.88 -10.98
C PHE B 143 23.52 1.78 -11.73
N ILE B 144 23.19 2.05 -12.99
CA ILE B 144 22.29 1.18 -13.72
C ILE B 144 22.85 -0.23 -13.95
N ARG B 145 21.94 -1.18 -13.99
CA ARG B 145 22.27 -2.56 -14.27
C ARG B 145 21.38 -3.08 -15.39
N THR B 146 22.01 -3.68 -16.41
CA THR B 146 21.30 -4.34 -17.48
C THR B 146 21.70 -5.80 -17.44
#